data_5ABZ
#
_entry.id   5ABZ
#
_cell.length_a   90.830
_cell.length_b   90.830
_cell.length_c   79.870
_cell.angle_alpha   90.00
_cell.angle_beta   90.00
_cell.angle_gamma   120.00
#
_symmetry.space_group_name_H-M   'P 31 2 1'
#
loop_
_entity.id
_entity.type
_entity.pdbx_description
1 polymer FIMH
2 non-polymer (2R,3S,4R,5S,6R)-2-(HYDROXYMETHYL)-6-[3-(NAPHTHALEN-1-YL)PROPYL]OXANE-3,4,5-TRIOL
3 non-polymer 'NICKEL (II) ION'
4 water water
#
_entity_poly.entity_id   1
_entity_poly.type   'polypeptide(L)'
_entity_poly.pdbx_seq_one_letter_code
;FACKTANGTAIPIGGGSANVYVNLAPVVNVGQNLVVDLSTQIFCHNDYPETITDYVTLQRGSAYGGVLSNFSGTVKYSGS
SYPFPTTSETPRVVYNSRTDKPWPVALYLTPVSSAGGVAIKAGSLIAVLILRQTNNYNSDDFQFVWNIYANNDVVVPT
;
_entity_poly.pdbx_strand_id   A,B
#
# COMPACT_ATOMS: atom_id res chain seq x y z
N PHE A 1 -22.97 -15.86 0.74
CA PHE A 1 -21.68 -15.28 1.13
C PHE A 1 -21.80 -14.78 2.54
N ALA A 2 -20.82 -15.09 3.37
CA ALA A 2 -20.80 -14.63 4.73
C ALA A 2 -19.37 -14.67 5.27
N CYS A 3 -19.14 -13.99 6.39
CA CYS A 3 -17.81 -13.88 6.99
C CYS A 3 -17.80 -14.11 8.47
N LYS A 4 -16.60 -14.37 8.99
CA LYS A 4 -16.45 -14.58 10.41
C LYS A 4 -15.06 -14.19 10.84
N THR A 5 -14.89 -14.02 12.15
CA THR A 5 -13.58 -13.79 12.70
C THR A 5 -13.10 -15.00 13.49
N ALA A 6 -11.79 -15.16 13.57
CA ALA A 6 -11.17 -16.25 14.33
C ALA A 6 -11.49 -16.12 15.82
N ASN A 7 -11.76 -17.24 16.50
N ASN A 7 -11.82 -17.26 16.45
CA ASN A 7 -12.29 -17.27 17.88
CA ASN A 7 -12.37 -17.32 17.81
C ASN A 7 -13.17 -16.05 18.26
C ASN A 7 -13.15 -16.06 18.21
N GLY A 8 -14.16 -15.74 17.42
CA GLY A 8 -14.86 -14.48 17.52
C GLY A 8 -16.32 -14.53 17.13
N THR A 9 -16.68 -13.81 16.08
CA THR A 9 -18.07 -13.59 15.74
C THR A 9 -18.29 -13.74 14.23
N ALA A 10 -19.55 -13.67 13.79
CA ALA A 10 -19.90 -13.77 12.37
C ALA A 10 -20.75 -12.61 11.86
N ILE A 11 -20.62 -12.34 10.56
CA ILE A 11 -21.57 -11.51 9.87
C ILE A 11 -22.23 -12.43 8.88
N PRO A 12 -23.56 -12.48 8.91
CA PRO A 12 -24.30 -13.44 8.07
C PRO A 12 -24.60 -12.96 6.65
N ILE A 13 -25.10 -13.89 5.84
CA ILE A 13 -25.64 -13.61 4.51
C ILE A 13 -26.42 -12.30 4.53
N GLY A 14 -26.11 -11.38 3.63
CA GLY A 14 -26.83 -10.13 3.53
C GLY A 14 -26.17 -8.91 4.20
N GLY A 15 -25.00 -9.12 4.81
CA GLY A 15 -24.25 -8.01 5.39
C GLY A 15 -24.56 -7.69 6.85
N GLY A 16 -23.99 -6.61 7.35
CA GLY A 16 -24.02 -6.31 8.77
C GLY A 16 -22.68 -5.78 9.27
N SER A 17 -22.51 -5.72 10.60
CA SER A 17 -21.36 -5.10 11.26
C SER A 17 -20.79 -6.05 12.26
N ALA A 18 -19.50 -5.92 12.53
CA ALA A 18 -18.91 -6.70 13.59
C ALA A 18 -17.71 -5.94 14.08
N ASN A 19 -17.38 -6.14 15.34
CA ASN A 19 -16.24 -5.50 15.96
C ASN A 19 -15.08 -6.46 16.05
N VAL A 20 -13.88 -5.95 15.77
CA VAL A 20 -12.65 -6.75 15.71
C VAL A 20 -11.53 -6.07 16.53
N TYR A 21 -10.95 -6.81 17.48
CA TYR A 21 -9.81 -6.34 18.24
C TYR A 21 -8.50 -6.83 17.64
N VAL A 22 -7.49 -5.96 17.65
CA VAL A 22 -6.20 -6.27 17.09
C VAL A 22 -5.08 -5.98 18.07
N ASN A 23 -4.12 -6.89 18.08
CA ASN A 23 -2.88 -6.71 18.79
C ASN A 23 -1.95 -5.80 18.01
N LEU A 24 -1.38 -4.82 18.71
CA LEU A 24 -0.55 -3.79 18.11
C LEU A 24 0.80 -3.76 18.80
N ALA A 25 1.89 -3.56 18.06
CA ALA A 25 3.19 -3.41 18.71
C ALA A 25 3.14 -2.25 19.74
N PRO A 26 3.60 -2.48 20.98
CA PRO A 26 3.42 -1.51 22.09
C PRO A 26 4.27 -0.25 21.97
N VAL A 27 5.35 -0.37 21.20
CA VAL A 27 6.23 0.74 20.92
C VAL A 27 6.55 0.79 19.43
N VAL A 28 6.35 1.94 18.80
CA VAL A 28 6.70 2.15 17.41
C VAL A 28 7.28 3.55 17.26
N ASN A 29 8.40 3.67 16.57
CA ASN A 29 9.05 4.96 16.34
C ASN A 29 8.63 5.59 15.03
N VAL A 30 8.85 6.90 14.93
CA VAL A 30 8.80 7.59 13.65
C VAL A 30 9.68 6.81 12.69
N GLY A 31 9.16 6.58 11.49
CA GLY A 31 9.90 5.85 10.49
C GLY A 31 9.67 4.35 10.46
N GLN A 32 9.01 3.81 11.49
CA GLN A 32 8.66 2.36 11.52
C GLN A 32 7.17 2.19 11.26
N ASN A 33 6.80 0.98 10.87
CA ASN A 33 5.42 0.63 10.58
C ASN A 33 4.78 -0.23 11.68
N LEU A 34 3.56 0.12 12.11
CA LEU A 34 2.66 -0.86 12.69
C LEU A 34 2.00 -1.61 11.54
N VAL A 35 2.05 -2.93 11.58
CA VAL A 35 1.38 -3.76 10.61
C VAL A 35 0.18 -4.47 11.26
N VAL A 36 -1.01 -4.16 10.77
CA VAL A 36 -2.27 -4.74 11.24
C VAL A 36 -2.79 -5.63 10.13
N ASP A 37 -2.48 -6.93 10.19
CA ASP A 37 -2.86 -7.88 9.14
C ASP A 37 -4.20 -8.51 9.48
N LEU A 38 -5.28 -8.11 8.81
CA LEU A 38 -6.61 -8.64 9.18
C LEU A 38 -6.87 -10.02 8.54
N SER A 39 -5.97 -10.49 7.68
CA SER A 39 -6.23 -11.73 6.95
C SER A 39 -6.09 -12.94 7.84
N THR A 40 -5.41 -12.81 8.96
CA THR A 40 -5.42 -13.87 9.98
C THR A 40 -6.70 -13.86 10.84
N GLN A 41 -7.56 -12.86 10.67
CA GLN A 41 -8.72 -12.70 11.54
C GLN A 41 -10.05 -12.80 10.79
N ILE A 42 -10.15 -12.21 9.61
CA ILE A 42 -11.40 -12.20 8.85
C ILE A 42 -11.38 -13.19 7.71
N PHE A 43 -12.38 -14.06 7.70
CA PHE A 43 -12.50 -15.14 6.71
C PHE A 43 -13.88 -15.12 6.13
N CYS A 44 -13.97 -15.23 4.81
N CYS A 44 -13.97 -15.18 4.81
CA CYS A 44 -15.26 -15.23 4.14
CA CYS A 44 -15.25 -15.22 4.11
C CYS A 44 -15.36 -16.43 3.22
C CYS A 44 -15.39 -16.52 3.34
N HIS A 45 -16.59 -16.77 2.81
CA HIS A 45 -16.80 -17.92 1.94
C HIS A 45 -17.99 -17.72 1.04
N ASN A 46 -18.00 -18.47 -0.05
CA ASN A 46 -19.10 -18.50 -1.03
C ASN A 46 -20.03 -19.64 -0.62
N ASP A 47 -21.33 -19.41 -0.53
CA ASP A 47 -22.27 -20.46 -0.14
C ASP A 47 -22.81 -21.35 -1.28
N TYR A 48 -22.55 -20.97 -2.53
CA TYR A 48 -22.98 -21.75 -3.71
C TYR A 48 -21.99 -21.59 -4.85
N PRO A 49 -20.75 -22.04 -4.64
CA PRO A 49 -19.68 -21.76 -5.59
C PRO A 49 -19.84 -22.44 -6.95
N GLU A 50 -20.77 -23.37 -7.04
CA GLU A 50 -20.95 -24.16 -8.25
C GLU A 50 -21.85 -23.46 -9.26
N THR A 51 -22.62 -22.47 -8.82
CA THR A 51 -23.46 -21.68 -9.72
C THR A 51 -23.29 -20.18 -9.55
N ILE A 52 -22.61 -19.76 -8.48
CA ILE A 52 -22.42 -18.35 -8.18
C ILE A 52 -20.97 -18.01 -7.93
N THR A 53 -20.52 -16.92 -8.54
CA THR A 53 -19.24 -16.31 -8.20
C THR A 53 -19.49 -15.03 -7.42
N ASP A 54 -18.84 -14.93 -6.26
CA ASP A 54 -18.91 -13.74 -5.41
C ASP A 54 -17.71 -12.82 -5.64
N TYR A 55 -17.96 -11.52 -5.67
CA TYR A 55 -16.94 -10.50 -5.89
C TYR A 55 -16.88 -9.60 -4.65
N VAL A 56 -15.67 -9.44 -4.12
CA VAL A 56 -15.46 -8.79 -2.85
C VAL A 56 -14.41 -7.68 -3.01
N THR A 57 -14.79 -6.47 -2.62
CA THR A 57 -13.89 -5.32 -2.62
C THR A 57 -13.70 -4.76 -1.23
N LEU A 58 -12.58 -4.06 -1.05
CA LEU A 58 -12.46 -3.05 0.02
C LEU A 58 -13.08 -1.76 -0.50
N GLN A 59 -14.29 -1.47 -0.05
CA GLN A 59 -15.00 -0.32 -0.59
C GLN A 59 -14.41 0.95 -0.01
N ARG A 60 -14.16 0.90 1.28
CA ARG A 60 -13.61 2.04 2.00
C ARG A 60 -12.85 1.61 3.23
N GLY A 61 -11.93 2.47 3.62
CA GLY A 61 -11.06 2.28 4.74
C GLY A 61 -10.94 3.65 5.37
N SER A 62 -11.22 3.70 6.67
CA SER A 62 -11.27 4.95 7.41
C SER A 62 -10.50 4.81 8.70
N ALA A 63 -9.91 5.93 9.13
CA ALA A 63 -9.10 5.96 10.33
C ALA A 63 -9.86 6.70 11.41
N TYR A 64 -9.69 6.26 12.65
CA TYR A 64 -10.35 6.84 13.82
C TYR A 64 -9.34 7.05 14.97
N GLY A 65 -9.71 7.95 15.87
CA GLY A 65 -8.96 8.17 17.08
C GLY A 65 -7.50 8.45 16.89
N GLY A 66 -6.68 7.64 17.56
CA GLY A 66 -5.25 7.88 17.63
C GLY A 66 -4.58 7.62 16.31
N VAL A 67 -5.13 6.70 15.53
CA VAL A 67 -4.62 6.47 14.18
C VAL A 67 -4.89 7.66 13.29
N LEU A 68 -6.12 8.14 13.31
CA LEU A 68 -6.49 9.29 12.50
C LEU A 68 -5.64 10.49 12.79
N SER A 69 -5.34 10.71 14.07
CA SER A 69 -4.63 11.92 14.50
C SER A 69 -3.09 11.82 14.52
N ASN A 70 -2.55 10.62 14.73
CA ASN A 70 -1.12 10.44 14.99
C ASN A 70 -0.40 9.52 14.00
N PHE A 71 -1.10 9.05 12.96
CA PHE A 71 -0.50 8.14 11.96
C PHE A 71 -0.87 8.47 10.52
N SER A 72 0.05 8.18 9.60
CA SER A 72 -0.29 8.11 8.17
C SER A 72 -0.21 6.64 7.83
N GLY A 73 -0.93 6.23 6.80
CA GLY A 73 -1.03 4.83 6.49
C GLY A 73 -1.20 4.47 5.03
N THR A 74 -0.95 3.21 4.76
CA THR A 74 -1.35 2.59 3.51
C THR A 74 -2.10 1.30 3.82
N VAL A 75 -2.88 0.84 2.85
CA VAL A 75 -3.54 -0.44 2.97
C VAL A 75 -3.15 -1.29 1.80
N LYS A 76 -2.91 -2.55 2.10
CA LYS A 76 -2.62 -3.57 1.13
C LYS A 76 -3.83 -4.45 0.97
N TYR A 77 -4.34 -4.55 -0.23
CA TYR A 77 -5.48 -5.42 -0.50
C TYR A 77 -5.16 -6.35 -1.66
N SER A 78 -5.19 -7.65 -1.39
CA SER A 78 -4.81 -8.69 -2.36
C SER A 78 -3.58 -8.34 -3.20
N GLY A 79 -2.45 -8.05 -2.55
CA GLY A 79 -1.24 -7.67 -3.27
C GLY A 79 -1.01 -6.25 -3.79
N SER A 80 -2.00 -5.38 -3.76
CA SER A 80 -1.82 -4.01 -4.19
C SER A 80 -1.95 -3.08 -2.99
N SER A 81 -1.33 -1.91 -3.12
CA SER A 81 -1.25 -0.95 -2.04
C SER A 81 -1.94 0.34 -2.37
N TYR A 82 -2.58 0.90 -1.34
CA TYR A 82 -3.39 2.11 -1.50
C TYR A 82 -3.19 3.06 -0.34
N PRO A 83 -3.49 4.35 -0.53
CA PRO A 83 -3.43 5.15 0.66
C PRO A 83 -4.49 4.76 1.68
N PHE A 84 -4.17 4.93 2.95
CA PHE A 84 -5.11 4.73 4.03
C PHE A 84 -5.13 5.96 4.95
N PRO A 85 -6.31 6.60 5.10
CA PRO A 85 -7.62 6.22 4.56
C PRO A 85 -7.66 6.17 3.05
N THR A 86 -8.69 5.48 2.52
CA THR A 86 -8.72 5.15 1.11
C THR A 86 -9.36 6.28 0.27
N THR A 87 -9.06 6.28 -1.03
CA THR A 87 -9.50 7.33 -1.95
C THR A 87 -10.47 6.80 -2.99
N SER A 88 -10.59 5.49 -3.07
CA SER A 88 -11.58 4.86 -3.94
C SER A 88 -11.72 3.40 -3.56
N GLU A 89 -12.79 2.77 -4.06
CA GLU A 89 -13.01 1.35 -3.94
C GLU A 89 -11.98 0.57 -4.74
N THR A 90 -11.49 -0.53 -4.17
CA THR A 90 -10.49 -1.36 -4.83
C THR A 90 -11.05 -2.19 -5.96
N PRO A 91 -10.15 -2.83 -6.71
CA PRO A 91 -10.56 -3.96 -7.54
C PRO A 91 -11.11 -5.09 -6.66
N ARG A 92 -11.69 -6.09 -7.32
CA ARG A 92 -12.38 -7.16 -6.62
C ARG A 92 -11.52 -8.40 -6.51
N VAL A 93 -11.78 -9.14 -5.45
CA VAL A 93 -11.23 -10.47 -5.23
C VAL A 93 -12.36 -11.47 -5.43
N VAL A 94 -12.06 -12.61 -6.04
CA VAL A 94 -13.09 -13.62 -6.29
C VAL A 94 -13.20 -14.63 -5.13
N TYR A 95 -14.42 -14.88 -4.69
CA TYR A 95 -14.69 -15.96 -3.75
C TYR A 95 -15.48 -17.04 -4.50
N ASN A 96 -14.82 -18.17 -4.72
CA ASN A 96 -15.36 -19.25 -5.53
C ASN A 96 -15.32 -20.59 -4.81
N SER A 97 -15.36 -20.58 -3.49
CA SER A 97 -15.27 -21.81 -2.71
C SER A 97 -16.05 -21.74 -1.38
N ARG A 98 -16.52 -22.89 -0.90
CA ARG A 98 -17.24 -22.98 0.37
C ARG A 98 -16.30 -22.94 1.55
N THR A 99 -15.05 -23.29 1.28
CA THR A 99 -13.95 -23.22 2.24
C THR A 99 -13.59 -21.78 2.62
N ASP A 100 -13.47 -21.53 3.92
CA ASP A 100 -13.07 -20.21 4.42
C ASP A 100 -11.78 -19.80 3.77
N LYS A 101 -11.79 -18.57 3.29
CA LYS A 101 -10.65 -17.95 2.70
C LYS A 101 -10.42 -16.61 3.41
N PRO A 102 -9.17 -16.24 3.64
CA PRO A 102 -8.95 -14.95 4.30
C PRO A 102 -9.40 -13.76 3.50
N TRP A 103 -9.71 -12.68 4.20
CA TRP A 103 -9.96 -11.41 3.54
C TRP A 103 -8.61 -10.70 3.55
N PRO A 104 -7.95 -10.59 2.37
CA PRO A 104 -6.55 -10.19 2.33
C PRO A 104 -6.30 -8.67 2.53
N VAL A 105 -6.56 -8.18 3.73
CA VAL A 105 -6.40 -6.76 4.06
C VAL A 105 -5.36 -6.57 5.15
N ALA A 106 -4.47 -5.61 4.96
CA ALA A 106 -3.46 -5.26 5.96
C ALA A 106 -3.20 -3.74 6.00
N LEU A 107 -3.17 -3.18 7.20
CA LEU A 107 -2.84 -1.78 7.38
C LEU A 107 -1.39 -1.61 7.71
N TYR A 108 -0.76 -0.60 7.09
CA TYR A 108 0.61 -0.22 7.40
C TYR A 108 0.59 1.21 7.90
N LEU A 109 0.74 1.37 9.21
CA LEU A 109 0.64 2.66 9.87
C LEU A 109 2.00 3.11 10.42
N THR A 110 2.35 4.35 10.12
CA THR A 110 3.62 4.95 10.54
C THR A 110 3.29 6.23 11.30
N PRO A 111 3.94 6.44 12.47
CA PRO A 111 3.62 7.65 13.23
C PRO A 111 4.05 8.90 12.51
N VAL A 112 3.28 9.97 12.64
CA VAL A 112 3.65 11.30 12.16
C VAL A 112 4.60 11.95 13.17
N SER A 113 5.22 13.06 12.78
CA SER A 113 6.23 13.73 13.62
C SER A 113 5.66 14.25 14.97
N SER A 114 4.42 14.72 14.95
CA SER A 114 3.74 15.18 16.17
C SER A 114 3.32 14.08 17.14
N ALA A 115 3.49 12.81 16.76
CA ALA A 115 3.13 11.72 17.67
C ALA A 115 4.23 11.53 18.70
N GLY A 116 3.80 11.27 19.93
CA GLY A 116 4.71 11.10 21.04
C GLY A 116 3.80 10.76 22.21
N GLY A 117 4.25 9.85 23.07
CA GLY A 117 3.42 9.39 24.16
C GLY A 117 2.48 8.29 23.69
N VAL A 118 1.37 8.13 24.40
CA VAL A 118 0.41 7.12 24.04
C VAL A 118 -0.34 7.63 22.82
N ALA A 119 -0.02 7.05 21.66
CA ALA A 119 -0.57 7.51 20.39
C ALA A 119 -1.84 6.74 20.02
N ILE A 120 -2.01 5.54 20.55
CA ILE A 120 -3.26 4.78 20.42
C ILE A 120 -3.67 4.22 21.77
N LYS A 121 -4.90 4.53 22.19
CA LYS A 121 -5.39 4.05 23.49
C LYS A 121 -5.95 2.64 23.39
N ALA A 122 -5.66 1.84 24.40
CA ALA A 122 -6.22 0.48 24.46
C ALA A 122 -7.74 0.50 24.44
N GLY A 123 -8.33 -0.39 23.65
CA GLY A 123 -9.77 -0.46 23.54
C GLY A 123 -10.43 0.58 22.65
N SER A 124 -9.67 1.55 22.15
CA SER A 124 -10.21 2.57 21.24
C SER A 124 -10.39 2.06 19.80
N LEU A 125 -11.45 2.53 19.18
CA LEU A 125 -11.63 2.39 17.73
C LEU A 125 -10.48 3.08 16.96
N ILE A 126 -9.75 2.31 16.16
CA ILE A 126 -8.69 2.83 15.33
C ILE A 126 -9.03 2.85 13.82
N ALA A 127 -9.97 2.02 13.36
CA ALA A 127 -10.25 1.97 11.93
C ALA A 127 -11.60 1.32 11.63
N VAL A 128 -12.20 1.67 10.49
CA VAL A 128 -13.33 0.93 9.93
C VAL A 128 -13.01 0.46 8.53
N LEU A 129 -13.18 -0.83 8.29
CA LEU A 129 -12.96 -1.41 6.95
C LEU A 129 -14.29 -1.95 6.45
N ILE A 130 -14.74 -1.47 5.29
CA ILE A 130 -15.96 -1.95 4.68
C ILE A 130 -15.70 -2.95 3.55
N LEU A 131 -16.22 -4.15 3.72
CA LEU A 131 -16.23 -5.17 2.69
C LEU A 131 -17.54 -5.07 1.89
N ARG A 132 -17.42 -4.84 0.58
CA ARG A 132 -18.58 -4.83 -0.30
C ARG A 132 -18.62 -6.08 -1.17
N GLN A 133 -19.73 -6.81 -1.10
CA GLN A 133 -19.86 -8.10 -1.79
C GLN A 133 -20.99 -8.06 -2.77
N THR A 134 -20.70 -8.52 -3.98
CA THR A 134 -21.66 -8.67 -5.06
C THR A 134 -21.47 -10.04 -5.71
N ASN A 135 -22.20 -10.32 -6.78
CA ASN A 135 -22.03 -11.62 -7.45
C ASN A 135 -22.35 -11.55 -8.93
N ASN A 136 -22.25 -12.69 -9.60
CA ASN A 136 -22.57 -12.82 -11.01
C ASN A 136 -23.90 -13.50 -11.26
N TYR A 137 -24.85 -13.32 -10.33
CA TYR A 137 -26.10 -14.06 -10.31
C TYR A 137 -27.34 -13.17 -10.16
N ASN A 138 -27.30 -12.24 -9.22
CA ASN A 138 -28.45 -11.36 -8.98
C ASN A 138 -27.96 -10.00 -8.53
N SER A 139 -28.87 -9.19 -8.02
CA SER A 139 -28.55 -7.81 -7.68
C SER A 139 -28.06 -7.62 -6.24
N ASP A 140 -27.79 -8.71 -5.53
CA ASP A 140 -27.17 -8.61 -4.21
C ASP A 140 -25.96 -7.69 -4.23
N ASP A 141 -25.96 -6.80 -3.26
CA ASP A 141 -24.92 -5.82 -3.13
C ASP A 141 -24.89 -5.47 -1.63
N PHE A 142 -23.94 -6.04 -0.90
CA PHE A 142 -23.99 -6.07 0.56
C PHE A 142 -22.71 -5.52 1.18
N GLN A 143 -22.87 -4.90 2.34
CA GLN A 143 -21.75 -4.34 3.05
C GLN A 143 -21.51 -5.14 4.30
N PHE A 144 -20.24 -5.50 4.52
CA PHE A 144 -19.80 -6.14 5.73
C PHE A 144 -18.83 -5.16 6.40
N VAL A 145 -19.28 -4.56 7.51
CA VAL A 145 -18.57 -3.47 8.17
C VAL A 145 -17.76 -3.90 9.42
N TRP A 146 -16.45 -3.75 9.32
CA TRP A 146 -15.52 -4.19 10.34
C TRP A 146 -14.95 -3.02 11.10
N ASN A 147 -15.35 -2.92 12.35
CA ASN A 147 -14.87 -1.92 13.26
C ASN A 147 -13.65 -2.51 13.93
N ILE A 148 -12.52 -1.83 13.81
CA ILE A 148 -11.24 -2.34 14.30
C ILE A 148 -10.89 -1.57 15.58
N TYR A 149 -10.73 -2.31 16.67
CA TYR A 149 -10.38 -1.78 17.98
C TYR A 149 -8.98 -2.19 18.38
N ALA A 150 -8.24 -1.26 19.00
CA ALA A 150 -6.93 -1.56 19.59
C ALA A 150 -7.04 -2.41 20.86
N ASN A 151 -6.33 -3.51 20.89
CA ASN A 151 -6.31 -4.30 22.11
C ASN A 151 -5.47 -3.66 23.20
N ASN A 152 -4.36 -3.01 22.83
CA ASN A 152 -3.41 -2.43 23.78
C ASN A 152 -3.02 -1.01 23.42
N ASP A 153 -2.43 -0.30 24.38
CA ASP A 153 -1.73 0.95 24.09
C ASP A 153 -0.60 0.81 23.06
N VAL A 154 -0.38 1.87 22.30
CA VAL A 154 0.79 1.97 21.46
C VAL A 154 1.50 3.30 21.82
N VAL A 155 2.76 3.22 22.24
CA VAL A 155 3.55 4.41 22.57
C VAL A 155 4.53 4.80 21.44
N VAL A 156 4.55 6.08 21.10
CA VAL A 156 5.53 6.60 20.16
C VAL A 156 6.60 7.29 20.99
N PRO A 157 7.81 6.69 21.06
CA PRO A 157 8.82 7.30 21.92
C PRO A 157 9.15 8.70 21.49
N THR A 158 9.30 9.57 22.48
CA THR A 158 9.79 10.92 22.25
C THR A 158 11.31 10.87 22.41
N PHE B 1 -1.72 19.68 -7.23
CA PHE B 1 -0.57 18.75 -7.41
C PHE B 1 -1.11 17.39 -7.82
N ALA B 2 -0.60 16.88 -8.95
CA ALA B 2 -0.97 15.56 -9.45
C ALA B 2 0.18 14.92 -10.22
N CYS B 3 0.03 13.63 -10.52
CA CYS B 3 1.05 12.85 -11.22
C CYS B 3 0.49 12.02 -12.36
N LYS B 4 1.39 11.67 -13.28
CA LYS B 4 1.05 10.82 -14.41
C LYS B 4 2.17 9.82 -14.65
N THR B 5 1.88 8.81 -15.45
CA THR B 5 2.90 7.86 -15.88
C THR B 5 3.07 7.84 -17.41
N ALA B 6 4.22 7.35 -17.87
CA ALA B 6 4.57 7.39 -19.28
C ALA B 6 3.66 6.49 -20.13
N ASN B 7 3.02 7.07 -21.15
CA ASN B 7 2.03 6.41 -22.02
C ASN B 7 0.93 5.65 -21.22
N GLY B 8 0.43 6.33 -20.18
CA GLY B 8 -0.08 5.63 -19.02
C GLY B 8 -1.25 6.26 -18.31
N THR B 9 -1.13 6.40 -16.99
CA THR B 9 -2.27 6.79 -16.19
C THR B 9 -2.00 8.08 -15.43
N ALA B 10 -2.83 8.34 -14.44
CA ALA B 10 -2.63 9.49 -13.59
C ALA B 10 -3.25 9.26 -12.20
N ILE B 11 -2.61 9.84 -11.18
CA ILE B 11 -3.14 9.85 -9.84
C ILE B 11 -3.46 11.32 -9.65
N PRO B 12 -4.72 11.66 -9.44
CA PRO B 12 -5.11 13.07 -9.48
C PRO B 12 -4.96 13.76 -8.14
N ILE B 13 -5.27 15.06 -8.10
CA ILE B 13 -5.26 15.89 -6.88
C ILE B 13 -5.86 15.10 -5.74
N GLY B 14 -5.16 15.02 -4.63
CA GLY B 14 -5.66 14.26 -3.51
C GLY B 14 -5.00 12.92 -3.31
N GLY B 15 -4.19 12.50 -4.27
CA GLY B 15 -3.50 11.24 -4.15
C GLY B 15 -4.37 10.08 -4.55
N GLY B 16 -3.84 8.90 -4.25
CA GLY B 16 -4.41 7.68 -4.75
C GLY B 16 -3.35 6.64 -5.01
N SER B 17 -3.62 5.74 -5.98
CA SER B 17 -2.82 4.53 -6.17
C SER B 17 -2.70 4.28 -7.66
N ALA B 18 -1.63 3.64 -8.11
CA ALA B 18 -1.50 3.32 -9.53
C ALA B 18 -0.50 2.22 -9.76
N ASN B 19 -0.66 1.55 -10.88
CA ASN B 19 0.27 0.51 -11.29
C ASN B 19 1.21 1.05 -12.37
N VAL B 20 2.51 0.75 -12.24
CA VAL B 20 3.50 1.13 -13.23
C VAL B 20 4.18 -0.13 -13.78
N TYR B 21 4.24 -0.24 -15.11
CA TYR B 21 4.79 -1.43 -15.75
C TYR B 21 6.08 -1.06 -16.49
N VAL B 22 7.19 -1.60 -15.98
CA VAL B 22 8.51 -1.26 -16.47
C VAL B 22 9.20 -2.44 -17.15
N ASN B 23 9.91 -2.13 -18.23
CA ASN B 23 10.82 -3.06 -18.88
C ASN B 23 12.13 -3.13 -18.14
N LEU B 24 12.56 -4.34 -17.83
CA LEU B 24 13.76 -4.56 -17.05
C LEU B 24 14.82 -5.23 -17.90
N ALA B 25 16.09 -5.03 -17.58
CA ALA B 25 17.14 -5.79 -18.25
C ALA B 25 16.78 -7.28 -18.20
N PRO B 26 16.81 -7.97 -19.35
CA PRO B 26 16.45 -9.39 -19.34
C PRO B 26 17.49 -10.32 -18.66
N VAL B 27 18.73 -9.86 -18.53
CA VAL B 27 19.75 -10.66 -17.90
C VAL B 27 20.53 -9.75 -16.96
N VAL B 28 20.81 -10.23 -15.75
CA VAL B 28 21.67 -9.52 -14.79
C VAL B 28 22.54 -10.56 -14.10
N ASN B 29 23.84 -10.49 -14.33
CA ASN B 29 24.77 -11.39 -13.67
C ASN B 29 25.03 -10.97 -12.22
N VAL B 30 25.41 -11.93 -11.40
CA VAL B 30 25.92 -11.63 -10.07
C VAL B 30 27.06 -10.62 -10.23
N GLY B 31 26.98 -9.53 -9.48
CA GLY B 31 27.97 -8.46 -9.58
C GLY B 31 27.57 -7.36 -10.54
N GLN B 32 26.52 -7.58 -11.32
CA GLN B 32 25.95 -6.50 -12.12
C GLN B 32 24.81 -5.84 -11.39
N ASN B 33 24.44 -4.66 -11.87
CA ASN B 33 23.30 -3.95 -11.32
C ASN B 33 22.15 -3.88 -12.28
N LEU B 34 20.98 -4.04 -11.69
CA LEU B 34 19.73 -3.84 -12.36
C LEU B 34 19.21 -2.48 -11.92
N VAL B 35 19.06 -1.58 -12.89
CA VAL B 35 18.53 -0.27 -12.60
C VAL B 35 17.07 -0.19 -13.01
N VAL B 36 16.26 0.26 -12.05
CA VAL B 36 14.83 0.51 -12.23
C VAL B 36 14.61 1.99 -12.07
N ASP B 37 14.65 2.68 -13.19
CA ASP B 37 14.59 4.13 -13.19
C ASP B 37 13.17 4.62 -13.39
N LEU B 38 12.63 5.20 -12.33
CA LEU B 38 11.25 5.67 -12.37
C LEU B 38 11.14 7.12 -12.79
N SER B 39 12.26 7.83 -12.85
CA SER B 39 12.26 9.21 -13.32
C SER B 39 11.82 9.32 -14.79
N THR B 40 11.87 8.22 -15.53
CA THR B 40 11.30 8.22 -16.87
C THR B 40 9.88 7.73 -16.89
N GLN B 41 9.35 7.32 -15.73
CA GLN B 41 8.03 6.69 -15.67
C GLN B 41 6.98 7.53 -14.98
N ILE B 42 7.40 8.33 -14.01
CA ILE B 42 6.50 9.05 -13.11
C ILE B 42 6.80 10.54 -13.17
N PHE B 43 5.77 11.33 -13.38
CA PHE B 43 5.92 12.77 -13.58
C PHE B 43 4.89 13.50 -12.78
N CYS B 44 5.29 14.57 -12.11
N CYS B 44 5.31 14.59 -12.15
CA CYS B 44 4.37 15.34 -11.28
CA CYS B 44 4.42 15.36 -11.30
C CYS B 44 4.48 16.81 -11.59
C CYS B 44 4.44 16.81 -11.72
N HIS B 45 3.42 17.55 -11.31
CA HIS B 45 3.43 18.97 -11.52
C HIS B 45 2.69 19.68 -10.40
N ASN B 46 3.01 20.96 -10.25
CA ASN B 46 2.40 21.87 -9.30
C ASN B 46 1.28 22.61 -10.03
N ASP B 47 0.06 22.61 -9.48
CA ASP B 47 -1.07 23.21 -10.20
C ASP B 47 -1.25 24.69 -9.93
N TYR B 48 -0.47 25.27 -9.02
CA TYR B 48 -0.48 26.74 -8.90
C TYR B 48 0.80 27.24 -8.29
N PRO B 49 1.88 27.19 -9.07
CA PRO B 49 3.21 27.45 -8.53
C PRO B 49 3.41 28.90 -8.14
N GLU B 50 2.62 29.79 -8.70
CA GLU B 50 2.89 31.21 -8.53
C GLU B 50 2.77 31.62 -7.07
N THR B 51 2.06 30.82 -6.28
CA THR B 51 1.92 31.10 -4.85
C THR B 51 2.02 29.85 -3.96
N ILE B 52 2.14 28.68 -4.57
CA ILE B 52 2.23 27.44 -3.77
C ILE B 52 3.50 26.73 -4.08
N THR B 53 4.14 26.26 -3.02
CA THR B 53 5.28 25.38 -3.13
C THR B 53 4.85 23.99 -2.65
N ASP B 54 4.99 23.00 -3.52
CA ASP B 54 4.68 21.61 -3.16
C ASP B 54 5.94 20.87 -2.75
N TYR B 55 5.84 20.11 -1.67
CA TYR B 55 6.98 19.35 -1.16
C TYR B 55 6.70 17.86 -1.35
N VAL B 56 7.68 17.15 -1.93
CA VAL B 56 7.52 15.76 -2.33
C VAL B 56 8.66 14.84 -1.80
N THR B 57 8.28 13.93 -0.91
CA THR B 57 9.19 12.91 -0.39
C THR B 57 8.88 11.53 -0.94
N LEU B 58 9.89 10.68 -0.94
CA LEU B 58 9.71 9.24 -0.99
C LEU B 58 9.52 8.81 0.45
N GLN B 59 8.27 8.58 0.83
CA GLN B 59 7.98 8.32 2.23
C GLN B 59 8.47 6.95 2.63
N ARG B 60 8.28 5.99 1.72
CA ARG B 60 8.75 4.64 1.90
C ARG B 60 8.87 3.92 0.56
N GLY B 61 9.91 3.10 0.44
CA GLY B 61 10.03 2.16 -0.66
C GLY B 61 10.21 0.78 -0.10
N SER B 62 9.41 -0.17 -0.59
CA SER B 62 9.52 -1.53 -0.11
C SER B 62 9.52 -2.52 -1.27
N ALA B 63 10.12 -3.68 -1.02
CA ALA B 63 10.41 -4.69 -2.02
C ALA B 63 9.46 -5.89 -1.97
N TYR B 64 9.13 -6.43 -3.14
CA TYR B 64 8.23 -7.58 -3.24
C TYR B 64 8.77 -8.63 -4.19
N GLY B 65 8.22 -9.83 -4.13
CA GLY B 65 8.53 -10.91 -5.05
C GLY B 65 10.01 -11.26 -5.14
N GLY B 66 10.49 -11.27 -6.39
CA GLY B 66 11.86 -11.61 -6.74
C GLY B 66 12.86 -10.58 -6.31
N VAL B 67 12.44 -9.31 -6.22
CA VAL B 67 13.36 -8.27 -5.77
C VAL B 67 13.54 -8.44 -4.28
N LEU B 68 12.44 -8.68 -3.58
CA LEU B 68 12.54 -8.93 -2.13
C LEU B 68 13.46 -10.11 -1.85
N SER B 69 13.25 -11.22 -2.56
CA SER B 69 13.97 -12.44 -2.27
C SER B 69 15.37 -12.60 -2.89
N ASN B 70 15.62 -11.96 -4.04
CA ASN B 70 16.84 -12.26 -4.83
C ASN B 70 17.74 -11.09 -5.10
N PHE B 71 17.39 -9.91 -4.58
CA PHE B 71 18.21 -8.73 -4.82
C PHE B 71 18.42 -7.95 -3.54
N SER B 72 19.54 -7.25 -3.54
CA SER B 72 19.90 -6.30 -2.50
C SER B 72 20.07 -4.99 -3.24
N GLY B 73 20.00 -3.85 -2.57
CA GLY B 73 20.26 -2.62 -3.29
C GLY B 73 20.00 -1.31 -2.58
N THR B 74 19.97 -0.26 -3.36
CA THR B 74 19.70 1.07 -2.85
C THR B 74 18.65 1.81 -3.70
N VAL B 75 18.11 2.89 -3.15
CA VAL B 75 17.26 3.79 -3.91
C VAL B 75 17.93 5.14 -3.99
N LYS B 76 18.12 5.62 -5.20
CA LYS B 76 18.60 6.96 -5.40
C LYS B 76 17.40 7.90 -5.58
N TYR B 77 17.30 8.86 -4.65
CA TYR B 77 16.31 9.93 -4.69
C TYR B 77 16.90 11.35 -4.80
N SER B 78 16.75 11.96 -5.97
CA SER B 78 17.27 13.30 -6.18
C SER B 78 18.74 13.42 -5.79
N GLY B 79 19.60 12.60 -6.40
CA GLY B 79 21.03 12.71 -6.21
C GLY B 79 21.67 11.93 -5.07
N SER B 80 20.93 11.72 -3.99
CA SER B 80 21.42 10.96 -2.84
C SER B 80 20.90 9.52 -2.78
N SER B 81 21.66 8.62 -2.17
CA SER B 81 21.34 7.20 -2.09
C SER B 81 20.95 6.78 -0.69
N TYR B 82 20.07 5.78 -0.60
CA TYR B 82 19.50 5.34 0.65
C TYR B 82 19.33 3.83 0.57
N PRO B 83 19.21 3.18 1.73
CA PRO B 83 18.92 1.74 1.70
C PRO B 83 17.58 1.46 1.04
N PHE B 84 17.52 0.36 0.29
CA PHE B 84 16.27 -0.17 -0.24
C PHE B 84 16.18 -1.65 0.04
N PRO B 85 15.10 -2.11 0.69
CA PRO B 85 13.96 -1.36 1.23
C PRO B 85 14.38 -0.23 2.17
N THR B 86 13.55 0.80 2.27
CA THR B 86 13.90 2.01 2.97
C THR B 86 13.69 1.93 4.47
N THR B 87 14.34 2.84 5.18
CA THR B 87 14.33 2.83 6.65
C THR B 87 13.81 4.13 7.23
N SER B 88 13.66 5.14 6.38
CA SER B 88 13.11 6.42 6.78
C SER B 88 12.76 7.25 5.56
N GLU B 89 11.89 8.22 5.78
CA GLU B 89 11.52 9.16 4.74
C GLU B 89 12.71 10.01 4.23
N THR B 90 12.79 10.19 2.91
CA THR B 90 13.81 11.02 2.31
C THR B 90 13.58 12.49 2.65
N PRO B 91 14.52 13.34 2.27
CA PRO B 91 14.22 14.78 2.30
C PRO B 91 13.21 15.17 1.22
N ARG B 92 12.77 16.43 1.28
CA ARG B 92 11.79 16.93 0.34
C ARG B 92 12.45 17.35 -0.94
N VAL B 93 11.78 17.07 -2.07
CA VAL B 93 12.04 17.75 -3.35
C VAL B 93 10.91 18.78 -3.57
N VAL B 94 11.26 19.98 -4.05
CA VAL B 94 10.28 21.01 -4.38
C VAL B 94 9.74 20.79 -5.78
N TYR B 95 8.41 20.86 -5.89
CA TYR B 95 7.79 21.00 -7.19
C TYR B 95 7.19 22.40 -7.26
N ASN B 96 7.54 23.14 -8.31
CA ASN B 96 7.19 24.56 -8.41
C ASN B 96 6.92 25.01 -9.83
N SER B 97 6.48 24.09 -10.68
CA SER B 97 6.14 24.41 -12.04
C SER B 97 4.90 23.62 -12.45
N ARG B 98 4.20 24.17 -13.42
CA ARG B 98 3.00 23.57 -13.97
C ARG B 98 3.38 22.51 -15.00
N THR B 99 4.67 22.45 -15.29
CA THR B 99 5.20 21.47 -16.24
C THR B 99 5.50 20.15 -15.54
N ASP B 100 5.02 19.06 -16.13
CA ASP B 100 5.33 17.71 -15.65
C ASP B 100 6.82 17.54 -15.52
N LYS B 101 7.29 17.35 -14.28
CA LYS B 101 8.69 17.07 -14.00
C LYS B 101 8.86 15.59 -13.53
N PRO B 102 9.97 14.94 -13.88
CA PRO B 102 10.22 13.59 -13.35
C PRO B 102 10.16 13.49 -11.84
N TRP B 103 9.72 12.35 -11.33
CA TRP B 103 9.95 12.01 -9.93
C TRP B 103 11.32 11.31 -9.85
N PRO B 104 12.29 11.91 -9.13
CA PRO B 104 13.67 11.45 -9.36
C PRO B 104 14.04 10.26 -8.49
N VAL B 105 13.42 9.11 -8.80
CA VAL B 105 13.63 7.85 -8.07
C VAL B 105 14.20 6.79 -8.99
N ALA B 106 15.20 6.06 -8.50
CA ALA B 106 15.77 4.93 -9.24
C ALA B 106 16.22 3.88 -8.26
N LEU B 107 15.89 2.64 -8.55
CA LEU B 107 16.34 1.54 -7.73
C LEU B 107 17.57 0.91 -8.35
N TYR B 108 18.61 0.78 -7.54
CA TYR B 108 19.83 0.13 -7.95
C TYR B 108 19.96 -1.20 -7.24
N LEU B 109 19.73 -2.28 -8.00
CA LEU B 109 19.55 -3.60 -7.42
C LEU B 109 20.55 -4.59 -7.97
N THR B 110 21.19 -5.35 -7.10
CA THR B 110 22.09 -6.38 -7.55
C THR B 110 21.70 -7.76 -7.00
N PRO B 111 21.83 -8.83 -7.82
CA PRO B 111 21.58 -10.21 -7.37
C PRO B 111 22.32 -10.61 -6.09
N VAL B 112 21.62 -11.26 -5.18
CA VAL B 112 22.29 -11.93 -4.07
C VAL B 112 23.13 -13.04 -4.69
N SER B 113 24.27 -13.38 -4.08
CA SER B 113 25.28 -14.20 -4.75
C SER B 113 24.80 -15.62 -5.07
N SER B 114 23.72 -16.04 -4.44
CA SER B 114 23.21 -17.40 -4.62
C SER B 114 22.08 -17.49 -5.64
N ALA B 115 21.69 -16.35 -6.20
CA ALA B 115 20.61 -16.36 -7.19
C ALA B 115 21.07 -16.85 -8.55
N GLY B 116 20.20 -17.57 -9.23
CA GLY B 116 20.46 -18.01 -10.58
C GLY B 116 19.16 -18.44 -11.22
N GLY B 117 19.03 -18.24 -12.53
CA GLY B 117 17.82 -18.59 -13.22
C GLY B 117 16.82 -17.46 -13.13
N VAL B 118 15.54 -17.78 -13.27
CA VAL B 118 14.52 -16.72 -13.23
C VAL B 118 14.49 -16.08 -11.84
N ALA B 119 14.90 -14.83 -11.76
CA ALA B 119 15.00 -14.12 -10.49
C ALA B 119 13.82 -13.15 -10.28
N ILE B 120 13.23 -12.69 -11.38
CA ILE B 120 12.07 -11.80 -11.36
C ILE B 120 11.13 -12.36 -12.41
N LYS B 121 9.88 -12.59 -12.03
CA LYS B 121 8.91 -13.25 -12.86
C LYS B 121 8.06 -12.22 -13.58
N ALA B 122 7.88 -12.41 -14.89
CA ALA B 122 7.16 -11.43 -15.70
C ALA B 122 5.82 -11.14 -15.08
N GLY B 123 5.43 -9.87 -15.06
CA GLY B 123 4.12 -9.48 -14.56
C GLY B 123 3.97 -9.26 -13.05
N SER B 124 5.00 -9.63 -12.29
CA SER B 124 4.87 -9.65 -10.84
C SER B 124 5.24 -8.31 -10.20
N LEU B 125 4.70 -8.08 -9.02
CA LEU B 125 5.01 -6.90 -8.24
C LEU B 125 6.44 -6.96 -7.77
N ILE B 126 7.20 -5.87 -7.96
CA ILE B 126 8.58 -5.86 -7.54
C ILE B 126 8.81 -4.79 -6.49
N ALA B 127 7.95 -3.78 -6.44
CA ALA B 127 8.13 -2.72 -5.46
C ALA B 127 6.89 -1.87 -5.26
N VAL B 128 6.80 -1.25 -4.08
CA VAL B 128 5.84 -0.19 -3.82
C VAL B 128 6.57 1.04 -3.37
N LEU B 129 6.25 2.17 -3.99
CA LEU B 129 6.93 3.42 -3.70
C LEU B 129 5.91 4.47 -3.41
N ILE B 130 5.91 4.93 -2.18
CA ILE B 130 4.94 5.89 -1.72
C ILE B 130 5.53 7.26 -1.87
N LEU B 131 4.89 8.04 -2.71
CA LEU B 131 5.20 9.45 -2.85
C LEU B 131 4.29 10.21 -1.91
N ARG B 132 4.88 11.00 -1.02
CA ARG B 132 4.10 11.84 -0.10
C ARG B 132 4.23 13.33 -0.47
N GLN B 133 3.08 13.99 -0.58
CA GLN B 133 3.02 15.40 -1.01
C GLN B 133 2.36 16.31 0.04
N THR B 134 3.08 17.35 0.44
CA THR B 134 2.55 18.41 1.29
C THR B 134 2.75 19.75 0.60
N ASN B 135 2.39 20.84 1.27
CA ASN B 135 2.64 22.17 0.70
C ASN B 135 2.85 23.22 1.79
N ASN B 136 2.98 24.47 1.37
CA ASN B 136 3.18 25.57 2.30
C ASN B 136 1.97 26.50 2.33
N TYR B 137 0.79 25.91 2.33
CA TYR B 137 -0.41 26.66 1.99
C TYR B 137 -1.57 26.20 2.86
N ASN B 138 -1.58 24.90 3.17
CA ASN B 138 -2.63 24.30 3.99
C ASN B 138 -2.21 22.95 4.58
N SER B 139 -3.21 22.17 4.99
CA SER B 139 -2.97 20.93 5.72
C SER B 139 -2.92 19.70 4.83
N ASP B 140 -3.01 19.89 3.51
CA ASP B 140 -2.91 18.77 2.56
C ASP B 140 -1.69 17.92 2.84
N ASP B 141 -1.93 16.63 3.04
CA ASP B 141 -0.88 15.66 3.19
C ASP B 141 -1.31 14.36 2.48
N PHE B 142 -0.87 14.21 1.23
CA PHE B 142 -1.40 13.18 0.33
C PHE B 142 -0.39 12.11 -0.06
N GLN B 143 -0.86 10.87 -0.08
CA GLN B 143 -0.04 9.78 -0.56
C GLN B 143 -0.41 9.41 -1.98
N PHE B 144 0.63 9.26 -2.78
CA PHE B 144 0.56 8.77 -4.14
C PHE B 144 1.29 7.45 -4.12
N VAL B 145 0.55 6.35 -4.31
CA VAL B 145 1.10 5.03 -4.07
C VAL B 145 1.34 4.29 -5.35
N TRP B 146 2.61 4.09 -5.70
CA TRP B 146 2.96 3.42 -6.95
C TRP B 146 3.34 1.96 -6.78
N ASN B 147 2.53 1.10 -7.38
CA ASN B 147 2.78 -0.32 -7.48
C ASN B 147 3.55 -0.61 -8.77
N ILE B 148 4.79 -1.02 -8.58
CA ILE B 148 5.73 -1.24 -9.68
C ILE B 148 5.76 -2.73 -10.07
N TYR B 149 5.50 -3.00 -11.34
CA TYR B 149 5.44 -4.35 -11.88
C TYR B 149 6.48 -4.52 -12.99
N ALA B 150 7.13 -5.67 -13.01
CA ALA B 150 8.01 -6.03 -14.11
C ALA B 150 7.22 -6.55 -15.31
N ASN B 151 7.55 -6.00 -16.47
CA ASN B 151 7.03 -6.47 -17.75
C ASN B 151 7.59 -7.74 -18.35
N ASN B 152 8.65 -8.27 -17.74
CA ASN B 152 9.34 -9.38 -18.34
C ASN B 152 10.15 -10.09 -17.28
N ASP B 153 10.42 -11.35 -17.53
CA ASP B 153 11.38 -12.08 -16.74
C ASP B 153 12.75 -11.41 -16.72
N VAL B 154 13.41 -11.51 -15.57
CA VAL B 154 14.82 -11.21 -15.45
C VAL B 154 15.53 -12.48 -15.01
N VAL B 155 16.55 -12.89 -15.74
CA VAL B 155 17.32 -14.09 -15.44
C VAL B 155 18.69 -13.69 -14.93
N VAL B 156 19.12 -14.34 -13.86
CA VAL B 156 20.49 -14.20 -13.41
C VAL B 156 21.26 -15.39 -13.97
N PRO B 157 22.06 -15.18 -15.02
CA PRO B 157 22.70 -16.32 -15.67
C PRO B 157 23.67 -17.06 -14.77
N THR B 158 23.87 -18.33 -15.07
CA THR B 158 24.76 -19.14 -14.25
C THR B 158 25.99 -19.57 -15.06
#